data_8R66
#
_entry.id   8R66
#
_cell.length_a   140.296
_cell.length_b   71.059
_cell.length_c   51.960
_cell.angle_alpha   90.00
_cell.angle_beta   96.78
_cell.angle_gamma   90.00
#
_symmetry.space_group_name_H-M   'C 1 2 1'
#
loop_
_entity.id
_entity.type
_entity.pdbx_description
1 polymer 'Thoeris protein ThsA'
2 non-polymer '(2~{S})-3-[1-[(2~{R},3~{R},4~{S},5~{R})-5-[[[[(2~{R},3~{S},4~{R},5~{R})-5-(6-aminopurin-9-yl)-3,4-bis(oxidanyl)oxolan-2-yl]methoxy-oxidanyl-phosphoryl]oxy-oxidanyl-phosphoryl]oxymethyl]-3,4-bis(oxidanyl)oxolan-2-yl]imidazol-4-yl]-2-azanyl-propanoic acid'
3 non-polymer 'SULFATE ION'
4 water water
#
_entity_poly.entity_id   1
_entity_poly.type   'polypeptide(L)'
_entity_poly.pdbx_seq_one_letter_code
;MGNNITLNLNGSEVEIKKGDIFEVPRNNYKVIAFNEYFDTQVDDVIIARETLNGQYIKRYYSHQDITELDQKIKDDVKLK
IEEKNVERPFGGKTTRYSLGSVFKDMDFFLVAFSKFDRENRAQLKLNEYASCMLNVWNEINTLHASKEVFIPLLGSGITR
HVDSDVGVNELLHIMLWTFQISKVKFREPAKVTILLYKNDHKKINFYKLKEFEKNGLVDTGNGSAWSHPQFEKGGGSGGG
SGGSAWSHPQFEK
;
_entity_poly.pdbx_strand_id   A,B
#
# COMPACT_ATOMS: atom_id res chain seq x y z
N ASN A 3 11.18 6.68 28.06
CA ASN A 3 9.92 6.01 27.76
C ASN A 3 10.11 5.00 26.63
N ASN A 4 10.26 3.73 27.00
CA ASN A 4 10.50 2.66 26.04
C ASN A 4 9.46 1.57 26.25
N ILE A 5 8.89 1.06 25.15
CA ILE A 5 7.83 0.06 25.22
C ILE A 5 8.07 -1.01 24.16
N THR A 6 7.56 -2.21 24.44
CA THR A 6 7.56 -3.31 23.49
C THR A 6 6.12 -3.68 23.17
N LEU A 7 5.79 -3.72 21.89
CA LEU A 7 4.45 -4.05 21.43
C LEU A 7 4.41 -5.50 20.94
N ASN A 8 3.40 -6.24 21.36
CA ASN A 8 3.19 -7.61 20.92
C ASN A 8 2.07 -7.61 19.89
N LEU A 9 2.43 -7.78 18.63
CA LEU A 9 1.48 -7.73 17.51
C LEU A 9 1.21 -9.16 17.05
N ASN A 10 0.23 -9.80 17.70
CA ASN A 10 -0.20 -11.15 17.37
C ASN A 10 0.99 -12.12 17.35
N GLY A 11 1.70 -12.15 18.48
CA GLY A 11 2.84 -13.02 18.63
C GLY A 11 4.14 -12.50 18.04
N SER A 12 4.16 -11.27 17.53
CA SER A 12 5.36 -10.66 16.98
C SER A 12 5.69 -9.41 17.79
N GLU A 13 6.92 -9.32 18.26
CA GLU A 13 7.36 -8.21 19.10
C GLU A 13 7.99 -7.12 18.24
N VAL A 14 7.45 -5.91 18.35
CA VAL A 14 8.04 -4.71 17.77
C VAL A 14 8.33 -3.76 18.92
N GLU A 15 9.61 -3.46 19.13
CA GLU A 15 10.03 -2.59 20.22
C GLU A 15 10.21 -1.17 19.71
N ILE A 16 9.75 -0.20 20.50
CA ILE A 16 9.89 1.21 20.20
C ILE A 16 10.62 1.85 21.37
N LYS A 17 11.82 2.36 21.12
CA LYS A 17 12.65 2.92 22.18
C LYS A 17 13.47 4.07 21.64
N LYS A 18 14.05 4.84 22.57
CA LYS A 18 14.98 5.90 22.22
C LYS A 18 16.35 5.32 21.97
N GLY A 19 17.00 5.77 20.90
CA GLY A 19 18.31 5.26 20.56
C GLY A 19 18.90 5.98 19.37
N ASP A 20 20.17 5.65 19.10
CA ASP A 20 20.93 6.21 18.00
C ASP A 20 21.20 5.09 16.99
N ILE A 21 20.78 5.31 15.75
CA ILE A 21 20.90 4.26 14.72
C ILE A 21 22.37 3.92 14.47
N PHE A 22 23.27 4.87 14.67
CA PHE A 22 24.68 4.65 14.42
C PHE A 22 25.39 4.01 15.62
N GLU A 23 24.67 3.75 16.72
CA GLU A 23 25.23 3.09 17.88
C GLU A 23 24.72 1.66 18.05
N VAL A 24 24.06 1.14 17.03
CA VAL A 24 23.57 -0.23 17.08
C VAL A 24 24.70 -1.20 16.76
N PRO A 25 24.79 -2.29 17.53
CA PRO A 25 25.84 -3.30 17.30
C PRO A 25 25.88 -3.77 15.86
N ARG A 26 27.06 -4.04 15.33
CA ARG A 26 27.21 -4.44 13.93
C ARG A 26 26.45 -5.70 13.57
N ASN A 27 26.26 -6.60 14.53
CA ASN A 27 25.59 -7.86 14.23
C ASN A 27 24.10 -7.67 13.95
N ASN A 28 23.67 -6.42 13.91
CA ASN A 28 22.28 -6.13 13.60
C ASN A 28 22.15 -5.39 12.29
N TYR A 29 20.96 -5.43 11.71
CA TYR A 29 20.72 -4.68 10.48
C TYR A 29 20.19 -3.29 10.79
N LYS A 30 20.66 -2.29 10.04
CA LYS A 30 20.21 -0.93 10.26
C LYS A 30 19.63 -0.36 8.97
N VAL A 31 18.49 0.32 9.08
CA VAL A 31 17.78 0.87 7.94
C VAL A 31 18.07 2.37 7.85
N ILE A 32 18.39 2.84 6.65
CA ILE A 32 18.61 4.27 6.38
C ILE A 32 17.84 4.61 5.10
N ALA A 33 17.10 5.72 5.14
CA ALA A 33 16.29 6.14 4.00
C ALA A 33 17.13 6.94 3.02
N PHE A 34 17.29 6.42 1.81
CA PHE A 34 17.80 7.16 0.67
C PHE A 34 16.61 7.65 -0.15
N ASN A 35 16.84 8.08 -1.39
CA ASN A 35 15.74 8.50 -2.25
C ASN A 35 15.56 7.50 -3.38
N GLU A 36 14.57 7.78 -4.24
CA GLU A 36 14.21 6.87 -5.32
C GLU A 36 15.33 6.66 -6.32
N TYR A 37 16.37 7.49 -6.31
CA TYR A 37 17.52 7.34 -7.19
C TYR A 37 18.74 6.76 -6.49
N PHE A 38 18.67 6.52 -5.18
CA PHE A 38 19.83 6.16 -4.37
C PHE A 38 20.95 7.18 -4.56
N ASP A 39 20.59 8.46 -4.54
CA ASP A 39 21.57 9.53 -4.72
C ASP A 39 22.57 9.53 -3.58
N THR A 40 23.83 9.82 -3.92
CA THR A 40 24.93 9.79 -2.97
C THR A 40 25.72 11.09 -2.92
N GLN A 41 25.30 12.12 -3.64
N GLN A 41 25.32 12.11 -3.67
CA GLN A 41 26.01 13.39 -3.69
CA GLN A 41 26.02 13.39 -3.69
C GLN A 41 25.48 14.29 -2.58
C GLN A 41 25.47 14.26 -2.56
N VAL A 42 26.24 14.37 -1.48
CA VAL A 42 25.83 15.16 -0.32
C VAL A 42 26.45 16.54 -0.49
N ASP A 43 25.73 17.43 -1.16
CA ASP A 43 26.16 18.81 -1.34
C ASP A 43 25.12 19.82 -0.86
N ASP A 44 24.13 19.33 -0.10
CA ASP A 44 23.06 20.18 0.40
C ASP A 44 22.22 20.72 -0.74
N VAL A 45 22.43 20.21 -1.94
CA VAL A 45 21.60 20.61 -3.07
C VAL A 45 20.75 19.40 -3.40
N ILE A 46 21.41 18.26 -3.61
CA ILE A 46 20.67 17.04 -3.87
C ILE A 46 20.44 16.36 -2.55
N ILE A 47 21.50 15.86 -1.94
CA ILE A 47 21.37 15.25 -0.63
C ILE A 47 21.88 16.21 0.42
N ALA A 48 21.10 16.41 1.48
CA ALA A 48 21.46 17.34 2.53
C ALA A 48 22.14 16.59 3.67
N ARG A 49 23.21 17.21 4.21
CA ARG A 49 24.01 16.53 5.22
C ARG A 49 23.26 16.33 6.53
N GLU A 50 22.15 17.04 6.73
N GLU A 50 22.15 17.04 6.73
CA GLU A 50 21.38 16.89 7.95
CA GLU A 50 21.38 16.88 7.96
C GLU A 50 20.58 15.59 8.00
C GLU A 50 20.65 15.55 8.00
N THR A 51 20.26 15.02 6.84
CA THR A 51 19.50 13.78 6.81
C THR A 51 20.39 12.59 7.20
N LEU A 52 19.73 11.52 7.66
CA LEU A 52 20.44 10.27 7.89
C LEU A 52 21.09 9.76 6.61
N ASN A 53 20.43 10.00 5.46
CA ASN A 53 21.03 9.72 4.17
C ASN A 53 22.39 10.40 4.04
N GLY A 54 22.47 11.67 4.45
CA GLY A 54 23.72 12.42 4.37
C GLY A 54 24.71 12.06 5.46
N GLN A 55 24.22 11.85 6.68
CA GLN A 55 25.11 11.46 7.77
C GLN A 55 25.76 10.11 7.50
N TYR A 56 24.98 9.16 6.98
CA TYR A 56 25.52 7.83 6.70
C TYR A 56 26.63 7.89 5.68
N ILE A 57 26.45 8.67 4.61
CA ILE A 57 27.47 8.76 3.57
C ILE A 57 28.73 9.44 4.10
N LYS A 58 28.55 10.55 4.83
CA LYS A 58 29.73 11.27 5.34
C LYS A 58 30.47 10.47 6.39
N ARG A 59 29.77 9.65 7.17
CA ARG A 59 30.42 8.94 8.25
C ARG A 59 31.21 7.74 7.75
N TYR A 60 30.72 7.05 6.73
CA TYR A 60 31.30 5.78 6.31
C TYR A 60 31.93 5.78 4.93
N TYR A 61 31.76 6.87 4.18
CA TYR A 61 32.23 6.86 2.80
C TYR A 61 33.04 8.04 2.32
N SER A 62 34.29 7.81 1.94
CA SER A 62 35.05 8.86 1.29
C SER A 62 34.47 9.11 -0.10
N HIS A 63 34.91 10.20 -0.73
CA HIS A 63 34.46 10.46 -2.10
C HIS A 63 34.93 9.39 -3.05
N GLN A 64 36.07 8.76 -2.77
CA GLN A 64 36.54 7.65 -3.59
C GLN A 64 35.67 6.41 -3.39
N ASP A 65 35.25 6.15 -2.15
CA ASP A 65 34.40 4.99 -1.88
C ASP A 65 33.02 5.14 -2.49
N ILE A 66 32.52 6.38 -2.61
CA ILE A 66 31.19 6.59 -3.17
C ILE A 66 31.11 6.09 -4.60
N THR A 67 32.22 6.16 -5.35
CA THR A 67 32.23 5.66 -6.71
C THR A 67 31.94 4.17 -6.76
N GLU A 68 32.55 3.40 -5.86
CA GLU A 68 32.30 1.97 -5.82
C GLU A 68 30.88 1.66 -5.34
N LEU A 69 30.37 2.47 -4.42
CA LEU A 69 29.00 2.28 -3.95
C LEU A 69 28.00 2.54 -5.07
N ASP A 70 28.22 3.59 -5.86
CA ASP A 70 27.36 3.85 -7.00
C ASP A 70 27.35 2.68 -7.98
N GLN A 71 28.52 2.06 -8.17
CA GLN A 71 28.60 0.93 -9.10
C GLN A 71 27.89 -0.29 -8.55
N LYS A 72 28.03 -0.55 -7.24
CA LYS A 72 27.38 -1.71 -6.64
C LYS A 72 25.86 -1.59 -6.68
N ILE A 73 25.34 -0.36 -6.60
CA ILE A 73 23.90 -0.16 -6.62
C ILE A 73 23.33 -0.47 -8.00
N LYS A 74 23.94 0.11 -9.04
CA LYS A 74 23.44 -0.12 -10.39
C LYS A 74 23.71 -1.55 -10.86
N ASP A 75 24.63 -2.27 -10.22
CA ASP A 75 24.86 -3.68 -10.53
C ASP A 75 23.84 -4.60 -9.85
N ASP A 76 23.09 -4.11 -8.87
CA ASP A 76 22.14 -4.94 -8.14
C ASP A 76 20.92 -5.17 -9.01
N VAL A 77 20.80 -6.37 -9.57
CA VAL A 77 19.69 -6.69 -10.47
C VAL A 77 18.37 -6.82 -9.73
N LYS A 78 18.40 -6.93 -8.41
CA LYS A 78 17.16 -7.07 -7.65
C LYS A 78 16.39 -5.76 -7.54
N LEU A 79 17.06 -4.62 -7.67
CA LEU A 79 16.38 -3.32 -7.59
C LEU A 79 15.50 -3.13 -8.82
N LYS A 80 14.19 -3.06 -8.59
CA LYS A 80 13.25 -2.87 -9.70
C LYS A 80 13.31 -1.43 -10.21
N ILE A 81 13.50 -1.28 -11.51
CA ILE A 81 13.64 0.04 -12.13
C ILE A 81 12.27 0.52 -12.59
N GLU A 82 11.91 1.74 -12.21
CA GLU A 82 10.68 2.37 -12.67
C GLU A 82 10.87 3.17 -13.95
N GLU A 83 12.00 3.86 -14.08
CA GLU A 83 12.29 4.67 -15.25
C GLU A 83 13.79 4.86 -15.35
N LYS A 84 14.28 5.02 -16.56
CA LYS A 84 15.68 5.29 -16.82
C LYS A 84 15.85 6.65 -17.51
N ASN A 85 17.03 7.25 -17.29
N ASN A 85 17.03 7.24 -17.33
CA ASN A 85 17.44 8.47 -17.99
CA ASN A 85 17.41 8.48 -18.01
C ASN A 85 16.49 9.64 -17.71
C ASN A 85 16.41 9.60 -17.72
N VAL A 86 16.17 9.84 -16.44
CA VAL A 86 15.37 11.00 -16.04
C VAL A 86 16.28 12.21 -16.00
N GLU A 87 15.74 13.37 -16.38
CA GLU A 87 16.54 14.58 -16.44
C GLU A 87 16.62 15.20 -15.05
N ARG A 88 17.83 15.24 -14.49
CA ARG A 88 18.07 15.88 -13.21
C ARG A 88 18.72 17.22 -13.47
N PRO A 89 18.00 18.34 -13.34
CA PRO A 89 18.57 19.64 -13.74
C PRO A 89 19.76 20.07 -12.90
N PHE A 90 19.81 19.72 -11.62
CA PHE A 90 20.89 20.14 -10.73
C PHE A 90 21.88 19.01 -10.44
N GLY A 91 21.84 17.93 -11.21
CA GLY A 91 22.72 16.79 -11.00
C GLY A 91 22.02 15.66 -10.28
N GLY A 92 22.75 14.56 -10.17
CA GLY A 92 22.25 13.36 -9.53
C GLY A 92 22.07 12.22 -10.51
N LYS A 93 21.67 11.08 -9.97
CA LYS A 93 21.52 9.87 -10.78
C LYS A 93 20.22 9.91 -11.58
N THR A 94 20.22 9.20 -12.70
CA THR A 94 19.13 9.27 -13.66
C THR A 94 18.29 8.00 -13.74
N THR A 95 18.59 6.99 -12.94
CA THR A 95 17.78 5.76 -12.89
C THR A 95 16.90 5.81 -11.65
N ARG A 96 15.58 5.69 -11.85
CA ARG A 96 14.60 5.74 -10.78
C ARG A 96 14.16 4.34 -10.40
N TYR A 97 14.09 4.06 -9.11
CA TYR A 97 13.74 2.74 -8.60
C TYR A 97 12.38 2.78 -7.91
N SER A 98 11.78 1.60 -7.78
CA SER A 98 10.51 1.48 -7.07
C SER A 98 10.65 1.89 -5.62
N LEU A 99 9.68 2.63 -5.12
CA LEU A 99 9.71 3.06 -3.72
C LEU A 99 9.71 1.84 -2.80
N GLY A 100 10.54 1.90 -1.77
CA GLY A 100 10.67 0.78 -0.86
C GLY A 100 11.70 -0.26 -1.29
N SER A 101 12.34 -0.08 -2.45
CA SER A 101 13.45 -0.94 -2.81
C SER A 101 14.56 -0.82 -1.79
N VAL A 102 15.14 -1.95 -1.41
CA VAL A 102 16.21 -1.99 -0.41
C VAL A 102 17.47 -2.48 -1.09
N PHE A 103 18.52 -1.66 -1.02
CA PHE A 103 19.87 -2.10 -1.34
C PHE A 103 20.58 -2.45 -0.05
N LYS A 104 21.11 -3.68 0.04
CA LYS A 104 21.81 -4.14 1.22
C LYS A 104 23.28 -3.76 1.09
N ASP A 105 23.77 -2.96 2.03
CA ASP A 105 25.16 -2.50 2.07
C ASP A 105 25.76 -3.03 3.36
N MET A 106 26.26 -4.26 3.31
CA MET A 106 26.80 -4.98 4.47
C MET A 106 25.68 -5.05 5.52
N ASP A 107 25.85 -4.44 6.69
CA ASP A 107 24.84 -4.51 7.75
C ASP A 107 23.81 -3.40 7.66
N PHE A 108 23.76 -2.66 6.56
CA PHE A 108 22.83 -1.55 6.39
C PHE A 108 21.86 -1.82 5.26
N PHE A 109 20.57 -1.53 5.48
CA PHE A 109 19.55 -1.58 4.45
C PHE A 109 19.27 -0.16 3.98
N LEU A 110 19.70 0.17 2.78
CA LEU A 110 19.47 1.49 2.21
C LEU A 110 18.18 1.46 1.39
N VAL A 111 17.23 2.31 1.74
CA VAL A 111 15.86 2.25 1.22
C VAL A 111 15.63 3.38 0.23
N ALA A 112 15.07 3.04 -0.92
CA ALA A 112 14.58 4.03 -1.88
C ALA A 112 13.25 4.57 -1.35
N PHE A 113 13.36 5.58 -0.48
CA PHE A 113 12.22 5.97 0.34
C PHE A 113 11.36 7.07 -0.27
N SER A 114 11.96 8.19 -0.67
CA SER A 114 11.21 9.36 -1.08
C SER A 114 11.45 9.70 -2.54
N LYS A 115 10.48 10.39 -3.13
CA LYS A 115 10.60 10.89 -4.49
C LYS A 115 11.24 12.27 -4.50
N PHE A 116 11.94 12.57 -5.60
CA PHE A 116 12.56 13.87 -5.83
C PHE A 116 11.96 14.49 -7.07
N ASP A 117 11.63 15.78 -6.99
CA ASP A 117 11.16 16.53 -8.15
C ASP A 117 12.32 17.29 -8.77
N ARG A 118 12.03 18.12 -9.76
CA ARG A 118 13.08 18.91 -10.41
C ARG A 118 13.73 19.92 -9.49
N GLU A 119 13.08 20.26 -8.38
CA GLU A 119 13.70 21.08 -7.35
C GLU A 119 14.44 20.25 -6.32
N ASN A 120 14.53 18.94 -6.52
CA ASN A 120 15.19 18.03 -5.57
C ASN A 120 14.54 18.11 -4.19
N ARG A 121 13.21 18.17 -4.18
CA ARG A 121 12.43 18.23 -2.94
C ARG A 121 11.92 16.83 -2.62
N ALA A 122 12.41 16.26 -1.52
CA ALA A 122 11.94 14.95 -1.06
C ALA A 122 10.49 15.03 -0.63
N GLN A 123 9.65 14.17 -1.20
CA GLN A 123 8.23 14.25 -0.95
C GLN A 123 7.57 12.89 -1.15
N LEU A 124 6.47 12.68 -0.43
CA LEU A 124 5.64 11.49 -0.59
C LEU A 124 4.19 11.86 -0.41
N LYS A 125 3.34 11.40 -1.33
CA LYS A 125 1.91 11.35 -1.03
C LYS A 125 1.67 10.28 0.02
N LEU A 126 0.54 10.40 0.73
CA LEU A 126 0.31 9.51 1.86
C LEU A 126 0.19 8.06 1.41
N ASN A 127 -0.51 7.81 0.31
CA ASN A 127 -0.61 6.45 -0.20
C ASN A 127 0.74 5.95 -0.71
N GLU A 128 1.57 6.85 -1.24
CA GLU A 128 2.93 6.46 -1.61
C GLU A 128 3.75 6.09 -0.38
N TYR A 129 3.60 6.85 0.71
CA TYR A 129 4.28 6.49 1.95
C TYR A 129 3.83 5.13 2.46
N ALA A 130 2.52 4.88 2.48
CA ALA A 130 2.02 3.60 2.95
C ALA A 130 2.48 2.47 2.04
N SER A 131 2.41 2.66 0.72
CA SER A 131 2.90 1.64 -0.20
C SER A 131 4.40 1.47 -0.11
N CYS A 132 5.13 2.54 0.22
CA CYS A 132 6.56 2.41 0.42
C CYS A 132 6.87 1.54 1.62
N MET A 133 6.23 1.82 2.75
CA MET A 133 6.46 1.03 3.96
C MET A 133 6.07 -0.43 3.77
N LEU A 134 5.05 -0.69 2.95
CA LEU A 134 4.67 -2.06 2.64
C LEU A 134 5.81 -2.82 1.99
N ASN A 135 6.46 -2.23 1.00
N ASN A 135 6.46 -2.20 1.00
CA ASN A 135 7.59 -2.88 0.35
CA ASN A 135 7.58 -2.85 0.34
C ASN A 135 8.81 -2.93 1.26
C ASN A 135 8.79 -2.94 1.26
N VAL A 136 8.95 -1.98 2.18
CA VAL A 136 10.07 -2.01 3.11
C VAL A 136 9.96 -3.21 4.05
N TRP A 137 8.78 -3.43 4.63
CA TRP A 137 8.60 -4.60 5.47
C TRP A 137 8.73 -5.88 4.66
N ASN A 138 8.35 -5.85 3.39
CA ASN A 138 8.52 -7.02 2.52
C ASN A 138 10.00 -7.37 2.38
N GLU A 139 10.84 -6.37 2.10
CA GLU A 139 12.28 -6.62 1.98
C GLU A 139 12.87 -7.03 3.31
N ILE A 140 12.52 -6.32 4.38
CA ILE A 140 13.07 -6.62 5.70
C ILE A 140 12.70 -8.03 6.14
N ASN A 141 11.44 -8.42 5.95
CA ASN A 141 11.02 -9.77 6.30
C ASN A 141 11.66 -10.83 5.39
N THR A 142 12.15 -10.43 4.23
CA THR A 142 12.83 -11.35 3.32
C THR A 142 14.31 -11.49 3.61
N LEU A 143 14.96 -10.41 4.07
CA LEU A 143 16.41 -10.34 4.18
C LEU A 143 16.95 -10.49 5.59
N HIS A 144 16.09 -10.50 6.62
CA HIS A 144 16.60 -10.30 7.98
C HIS A 144 17.48 -11.45 8.43
N ALA A 145 17.22 -12.67 7.98
CA ALA A 145 18.05 -13.84 8.27
C ALA A 145 18.29 -14.00 9.77
N SER A 146 17.20 -13.96 10.54
CA SER A 146 17.15 -14.14 11.98
C SER A 146 17.88 -13.04 12.76
N LYS A 147 18.44 -12.04 12.10
CA LYS A 147 19.05 -10.92 12.80
C LYS A 147 18.00 -9.87 13.15
N GLU A 148 18.31 -9.04 14.14
CA GLU A 148 17.43 -7.95 14.51
C GLU A 148 17.60 -6.77 13.56
N VAL A 149 16.51 -6.10 13.25
CA VAL A 149 16.49 -4.96 12.34
C VAL A 149 16.13 -3.72 13.13
N PHE A 150 16.91 -2.66 12.98
CA PHE A 150 16.68 -1.38 13.62
C PHE A 150 16.32 -0.35 12.56
N ILE A 151 15.29 0.46 12.84
CA ILE A 151 14.76 1.37 11.84
C ILE A 151 14.39 2.70 12.49
N PRO A 152 14.71 3.83 11.88
CA PRO A 152 14.26 5.12 12.39
C PRO A 152 12.79 5.34 12.03
N LEU A 153 12.24 6.43 12.56
CA LEU A 153 10.86 6.80 12.26
C LEU A 153 10.85 7.44 10.88
N LEU A 154 10.74 6.59 9.85
CA LEU A 154 10.85 7.03 8.47
C LEU A 154 9.74 8.02 8.12
N GLY A 155 10.12 9.12 7.46
CA GLY A 155 9.19 10.14 7.05
C GLY A 155 9.08 11.32 8.00
N SER A 156 9.66 11.23 9.20
CA SER A 156 9.55 12.28 10.19
C SER A 156 10.70 13.29 10.13
N GLY A 157 11.52 13.23 9.09
CA GLY A 157 12.57 14.23 8.93
C GLY A 157 12.19 15.30 7.92
N ILE A 158 13.06 15.50 6.91
CA ILE A 158 12.83 16.53 5.91
C ILE A 158 11.80 16.13 4.87
N THR A 159 11.30 14.90 4.91
CA THR A 159 10.35 14.44 3.90
C THR A 159 9.07 15.26 3.92
N ARG A 160 8.65 15.73 2.74
CA ARG A 160 7.46 16.55 2.61
C ARG A 160 6.25 15.67 2.33
N HIS A 161 5.28 15.69 3.23
CA HIS A 161 4.02 14.97 3.04
C HIS A 161 3.05 15.95 2.40
N VAL A 162 2.83 15.79 1.09
CA VAL A 162 2.27 16.87 0.27
C VAL A 162 0.75 16.84 0.13
N ASP A 163 0.07 15.81 0.65
CA ASP A 163 -1.38 15.77 0.51
C ASP A 163 -2.07 15.35 1.79
N SER A 164 -1.48 15.70 2.94
CA SER A 164 -2.09 15.42 4.24
C SER A 164 -1.37 16.23 5.29
N ASP A 165 -1.97 16.32 6.47
CA ASP A 165 -1.36 16.93 7.64
C ASP A 165 -0.91 15.86 8.63
N VAL A 166 -0.33 14.78 8.11
CA VAL A 166 0.06 13.65 8.94
C VAL A 166 1.09 14.10 9.96
N GLY A 167 0.88 13.72 11.22
CA GLY A 167 1.80 14.02 12.29
C GLY A 167 2.80 12.90 12.53
N VAL A 168 3.64 13.10 13.54
CA VAL A 168 4.66 12.12 13.87
C VAL A 168 4.04 10.83 14.37
N ASN A 169 3.06 10.94 15.29
CA ASN A 169 2.40 9.75 15.81
C ASN A 169 1.69 8.96 14.73
N GLU A 170 1.15 9.65 13.71
CA GLU A 170 0.44 8.95 12.65
C GLU A 170 1.40 8.21 11.71
N LEU A 171 2.58 8.77 11.48
CA LEU A 171 3.60 8.04 10.72
C LEU A 171 3.95 6.73 11.40
N LEU A 172 4.12 6.77 12.73
CA LEU A 172 4.42 5.56 13.48
C LEU A 172 3.25 4.58 13.41
N HIS A 173 2.02 5.08 13.44
CA HIS A 173 0.86 4.20 13.33
C HIS A 173 0.80 3.54 11.96
N ILE A 174 1.17 4.27 10.90
CA ILE A 174 1.18 3.68 9.57
C ILE A 174 2.30 2.66 9.43
N MET A 175 3.44 2.91 10.07
CA MET A 175 4.50 1.90 10.10
C MET A 175 4.03 0.61 10.74
N LEU A 176 3.27 0.72 11.83
CA LEU A 176 2.77 -0.47 12.50
C LEU A 176 1.68 -1.17 11.70
N TRP A 177 0.79 -0.39 11.08
CA TRP A 177 -0.28 -0.97 10.28
C TRP A 177 0.27 -1.73 9.08
N THR A 178 1.23 -1.13 8.37
CA THR A 178 1.85 -1.83 7.25
C THR A 178 2.71 -3.00 7.72
N PHE A 179 3.22 -2.93 8.95
CA PHE A 179 3.90 -4.11 9.52
C PHE A 179 2.90 -5.24 9.75
N GLN A 180 1.70 -4.91 10.24
CA GLN A 180 0.71 -5.93 10.50
C GLN A 180 0.21 -6.57 9.20
N ILE A 181 0.10 -5.76 8.13
CA ILE A 181 -0.28 -6.31 6.84
C ILE A 181 0.80 -7.27 6.33
N SER A 182 2.05 -6.85 6.37
CA SER A 182 3.14 -7.69 5.87
C SER A 182 3.29 -8.96 6.70
N LYS A 183 2.85 -8.93 7.95
CA LYS A 183 2.92 -10.12 8.79
C LYS A 183 2.06 -11.26 8.24
N VAL A 184 0.97 -10.92 7.55
CA VAL A 184 0.09 -11.95 7.00
C VAL A 184 0.83 -12.81 5.99
N LYS A 185 1.76 -12.22 5.23
CA LYS A 185 2.54 -12.97 4.26
C LYS A 185 3.76 -13.63 4.90
N PHE A 186 4.40 -12.95 5.85
CA PHE A 186 5.58 -13.47 6.55
C PHE A 186 5.18 -13.77 8.00
N ARG A 187 4.68 -14.99 8.22
CA ARG A 187 4.20 -15.36 9.55
C ARG A 187 5.33 -15.55 10.55
N GLU A 188 6.59 -15.52 10.11
CA GLU A 188 7.75 -15.44 10.99
C GLU A 188 8.50 -14.14 10.68
N PRO A 189 7.95 -13.00 11.09
CA PRO A 189 8.53 -11.71 10.68
C PRO A 189 9.81 -11.41 11.43
N ALA A 190 10.54 -10.42 10.93
CA ALA A 190 11.78 -9.99 11.55
C ALA A 190 11.50 -9.38 12.92
N LYS A 191 12.42 -9.61 13.85
CA LYS A 191 12.41 -8.88 15.12
C LYS A 191 12.86 -7.45 14.85
N VAL A 192 11.95 -6.50 15.05
CA VAL A 192 12.14 -5.12 14.62
C VAL A 192 12.18 -4.20 15.84
N THR A 193 13.06 -3.20 15.78
CA THR A 193 13.13 -2.14 16.79
C THR A 193 13.06 -0.80 16.07
N ILE A 194 12.10 0.04 16.45
CA ILE A 194 11.98 1.39 15.92
C ILE A 194 12.66 2.34 16.89
N LEU A 195 13.60 3.12 16.37
CA LEU A 195 14.42 4.02 17.20
C LEU A 195 13.90 5.45 17.08
N LEU A 196 13.73 6.11 18.22
CA LEU A 196 13.37 7.51 18.29
C LEU A 196 14.58 8.31 18.76
N TYR A 197 14.80 9.48 18.17
CA TYR A 197 16.02 10.24 18.37
C TYR A 197 15.80 11.40 19.33
N LYS A 198 16.78 11.62 20.21
CA LYS A 198 16.80 12.74 21.15
C LYS A 198 15.50 12.82 21.95
N ASN A 199 14.76 13.92 21.80
CA ASN A 199 13.52 14.13 22.52
C ASN A 199 12.29 13.86 21.66
N ASP A 200 12.45 13.14 20.54
CA ASP A 200 11.31 12.78 19.73
C ASP A 200 10.39 11.79 20.43
N HIS A 201 10.89 11.05 21.42
CA HIS A 201 10.04 10.18 22.22
C HIS A 201 9.02 10.96 23.03
N LYS A 202 9.31 12.22 23.35
CA LYS A 202 8.37 13.04 24.10
C LYS A 202 7.16 13.44 23.28
N LYS A 203 7.27 13.44 21.96
CA LYS A 203 6.15 13.75 21.08
C LYS A 203 5.35 12.51 20.67
N ILE A 204 5.63 11.36 21.27
CA ILE A 204 4.99 10.09 20.94
C ILE A 204 4.01 9.73 22.03
N ASN A 205 2.76 9.50 21.65
CA ASN A 205 1.71 9.05 22.58
C ASN A 205 1.82 7.54 22.71
N PHE A 206 2.53 7.07 23.74
CA PHE A 206 2.74 5.64 23.92
C PHE A 206 1.46 4.93 24.32
N TYR A 207 0.47 5.64 24.88
CA TYR A 207 -0.81 5.02 25.19
C TYR A 207 -1.50 4.55 23.91
N LYS A 208 -1.52 5.40 22.88
CA LYS A 208 -2.14 5.02 21.61
C LYS A 208 -1.39 3.89 20.94
N LEU A 209 -0.09 3.74 21.21
CA LEU A 209 0.66 2.65 20.63
C LEU A 209 0.27 1.30 21.22
N LYS A 210 -0.02 1.27 22.53
CA LYS A 210 -0.43 0.01 23.16
C LYS A 210 -1.79 -0.46 22.67
N GLU A 211 -2.60 0.44 22.11
CA GLU A 211 -3.90 0.05 21.56
C GLU A 211 -3.77 -0.87 20.35
N PHE A 212 -2.57 -0.99 19.76
CA PHE A 212 -2.33 -1.95 18.68
C PHE A 212 -2.30 -3.38 19.17
N GLU A 213 -2.51 -3.62 20.46
CA GLU A 213 -2.52 -4.97 21.02
C GLU A 213 -3.94 -5.42 21.36
N ASN B 3 -24.42 -12.08 13.40
CA ASN B 3 -24.00 -11.01 14.30
C ASN B 3 -23.71 -9.73 13.54
N ASN B 4 -24.06 -8.59 14.15
CA ASN B 4 -23.83 -7.27 13.58
C ASN B 4 -23.02 -6.44 14.55
N ILE B 5 -22.03 -5.69 14.03
CA ILE B 5 -21.15 -4.87 14.84
C ILE B 5 -20.92 -3.52 14.17
N THR B 6 -20.51 -2.54 14.97
CA THR B 6 -20.20 -1.20 14.49
C THR B 6 -18.92 -0.74 15.18
N LEU B 7 -17.83 -0.65 14.43
CA LEU B 7 -16.52 -0.33 14.99
C LEU B 7 -16.30 1.18 14.93
N ASN B 8 -16.04 1.79 16.08
CA ASN B 8 -15.74 3.21 16.16
C ASN B 8 -14.23 3.38 16.01
N LEU B 9 -13.79 3.80 14.82
CA LEU B 9 -12.38 3.95 14.52
C LEU B 9 -11.99 5.42 14.66
N ASN B 10 -11.85 5.85 15.91
CA ASN B 10 -11.43 7.21 16.25
C ASN B 10 -12.34 8.25 15.60
N GLY B 11 -13.64 8.11 15.88
CA GLY B 11 -14.64 9.02 15.34
C GLY B 11 -15.27 8.59 14.04
N SER B 12 -14.73 7.56 13.39
CA SER B 12 -15.27 7.06 12.12
C SER B 12 -15.81 5.65 12.34
N GLU B 13 -17.12 5.50 12.14
CA GLU B 13 -17.80 4.24 12.39
C GLU B 13 -17.83 3.40 11.12
N VAL B 14 -17.24 2.21 11.18
CA VAL B 14 -17.34 1.20 10.13
C VAL B 14 -18.20 0.06 10.67
N GLU B 15 -19.29 -0.22 9.98
CA GLU B 15 -20.18 -1.28 10.43
C GLU B 15 -20.00 -2.54 9.62
N ILE B 16 -19.96 -3.67 10.30
CA ILE B 16 -19.86 -4.94 9.60
C ILE B 16 -21.10 -5.72 9.93
N LYS B 17 -21.81 -6.18 8.91
CA LYS B 17 -23.05 -6.89 9.14
C LYS B 17 -23.42 -7.79 7.98
N LYS B 18 -24.36 -8.69 8.22
CA LYS B 18 -24.83 -9.56 7.14
C LYS B 18 -25.81 -8.79 6.26
N GLY B 19 -25.76 -9.07 4.97
CA GLY B 19 -26.64 -8.39 4.04
C GLY B 19 -26.35 -8.77 2.61
N ASP B 20 -27.17 -8.23 1.72
CA ASP B 20 -27.10 -8.47 0.28
C ASP B 20 -26.79 -7.15 -0.40
N ILE B 21 -25.67 -7.11 -1.13
CA ILE B 21 -25.25 -5.87 -1.79
C ILE B 21 -26.30 -5.38 -2.77
N PHE B 22 -27.14 -6.28 -3.29
CA PHE B 22 -28.14 -5.93 -4.28
C PHE B 22 -29.47 -5.50 -3.66
N GLU B 23 -29.57 -5.51 -2.32
CA GLU B 23 -30.78 -5.08 -1.63
C GLU B 23 -30.57 -3.76 -0.89
N VAL B 24 -29.50 -3.04 -1.20
CA VAL B 24 -29.23 -1.75 -0.57
C VAL B 24 -30.07 -0.68 -1.27
N PRO B 25 -30.73 0.21 -0.54
CA PRO B 25 -31.54 1.26 -1.18
C PRO B 25 -30.73 2.09 -2.16
N ARG B 26 -31.44 2.67 -3.13
CA ARG B 26 -30.78 3.41 -4.21
C ARG B 26 -30.06 4.66 -3.73
N ASN B 27 -30.36 5.13 -2.52
CA ASN B 27 -29.74 6.32 -1.97
C ASN B 27 -28.35 6.06 -1.38
N ASN B 28 -27.71 4.95 -1.76
CA ASN B 28 -26.40 4.58 -1.24
C ASN B 28 -25.53 4.08 -2.37
N TYR B 29 -24.22 4.16 -2.17
CA TYR B 29 -23.25 3.65 -3.13
C TYR B 29 -22.90 2.20 -2.81
N LYS B 30 -22.73 1.40 -3.86
CA LYS B 30 -22.38 -0.01 -3.73
C LYS B 30 -21.11 -0.30 -4.52
N VAL B 31 -20.20 -1.07 -3.91
CA VAL B 31 -18.93 -1.43 -4.52
C VAL B 31 -19.06 -2.82 -5.13
N ILE B 32 -18.55 -2.98 -6.36
CA ILE B 32 -18.45 -4.27 -7.03
C ILE B 32 -17.06 -4.38 -7.64
N ALA B 33 -16.38 -5.49 -7.35
CA ALA B 33 -15.02 -5.70 -7.84
C ALA B 33 -15.06 -6.24 -9.28
N PHE B 34 -14.49 -5.48 -10.20
CA PHE B 34 -14.21 -5.92 -11.55
C PHE B 34 -12.72 -6.31 -11.61
N ASN B 35 -12.16 -6.43 -12.82
CA ASN B 35 -10.75 -6.74 -12.94
C ASN B 35 -10.00 -5.55 -13.53
N GLU B 36 -8.67 -5.71 -13.67
CA GLU B 36 -7.81 -4.62 -14.11
C GLU B 36 -8.11 -4.13 -15.52
N TYR B 37 -8.97 -4.83 -16.26
CA TYR B 37 -9.38 -4.42 -17.60
C TYR B 37 -10.82 -3.91 -17.65
N PHE B 38 -11.54 -3.96 -16.53
CA PHE B 38 -12.99 -3.73 -16.51
C PHE B 38 -13.69 -4.61 -17.55
N ASP B 39 -13.30 -5.88 -17.59
CA ASP B 39 -13.89 -6.82 -18.53
C ASP B 39 -15.38 -7.00 -18.26
N THR B 40 -16.16 -7.12 -19.34
CA THR B 40 -17.61 -7.23 -19.26
C THR B 40 -18.17 -8.48 -19.92
N GLN B 41 -17.32 -9.37 -20.40
N GLN B 41 -17.32 -9.36 -20.42
CA GLN B 41 -17.79 -10.56 -21.07
CA GLN B 41 -17.79 -10.56 -21.07
C GLN B 41 -18.05 -11.67 -20.07
C GLN B 41 -18.05 -11.67 -20.07
N VAL B 42 -19.33 -11.91 -19.79
CA VAL B 42 -19.67 -12.93 -18.79
C VAL B 42 -19.99 -14.24 -19.49
N ASP B 43 -18.95 -14.96 -19.90
CA ASP B 43 -19.10 -16.24 -20.59
C ASP B 43 -18.47 -17.40 -19.82
N ASP B 44 -18.22 -17.17 -18.53
CA ASP B 44 -17.57 -18.19 -17.69
C ASP B 44 -16.17 -18.52 -18.18
N VAL B 45 -15.63 -17.70 -19.07
CA VAL B 45 -14.26 -17.89 -19.52
C VAL B 45 -13.47 -16.72 -19.03
N ILE B 46 -13.85 -15.52 -19.44
CA ILE B 46 -13.19 -14.33 -18.97
C ILE B 46 -13.78 -13.95 -17.63
N ILE B 47 -15.07 -13.63 -17.61
CA ILE B 47 -15.73 -13.33 -16.36
C ILE B 47 -16.73 -14.42 -16.03
N ALA B 48 -16.76 -14.85 -14.78
CA ALA B 48 -17.63 -15.92 -14.38
C ALA B 48 -18.93 -15.38 -13.81
N ARG B 49 -20.03 -16.04 -14.14
CA ARG B 49 -21.33 -15.55 -13.69
C ARG B 49 -21.51 -15.67 -12.18
N GLU B 50 -20.71 -16.49 -11.51
CA GLU B 50 -20.84 -16.65 -10.06
C GLU B 50 -20.28 -15.44 -9.31
N THR B 51 -19.30 -14.75 -9.88
CA THR B 51 -18.73 -13.59 -9.21
C THR B 51 -19.73 -12.43 -9.19
N LEU B 52 -19.53 -11.53 -8.23
CA LEU B 52 -20.32 -10.30 -8.20
C LEU B 52 -20.14 -9.51 -9.49
N ASN B 53 -18.91 -9.50 -10.02
CA ASN B 53 -18.66 -8.93 -11.34
C ASN B 53 -19.64 -9.50 -12.37
N GLY B 54 -19.85 -10.80 -12.35
CA GLY B 54 -20.77 -11.45 -13.28
C GLY B 54 -22.23 -11.25 -12.93
N GLN B 55 -22.57 -11.38 -11.65
CA GLN B 55 -23.95 -11.17 -11.22
C GLN B 55 -24.42 -9.75 -11.54
N TYR B 56 -23.57 -8.76 -11.30
CA TYR B 56 -23.95 -7.36 -11.52
C TYR B 56 -24.28 -7.11 -12.99
N ILE B 57 -23.44 -7.62 -13.89
CA ILE B 57 -23.66 -7.37 -15.31
C ILE B 57 -24.91 -8.10 -15.81
N LYS B 58 -25.12 -9.33 -15.33
CA LYS B 58 -26.30 -10.07 -15.80
C LYS B 58 -27.59 -9.51 -15.23
N ARG B 59 -27.55 -8.93 -14.04
CA ARG B 59 -28.78 -8.45 -13.42
C ARG B 59 -29.20 -7.09 -13.97
N TYR B 60 -28.26 -6.27 -14.41
CA TYR B 60 -28.55 -4.90 -14.78
C TYR B 60 -28.25 -4.55 -16.23
N TYR B 61 -27.53 -5.40 -16.97
CA TYR B 61 -27.08 -5.05 -18.32
C TYR B 61 -27.53 -6.10 -19.32
N SER B 62 -28.30 -5.66 -20.31
CA SER B 62 -28.47 -6.46 -21.51
C SER B 62 -27.19 -6.38 -22.34
N HIS B 63 -27.09 -7.26 -23.35
N HIS B 63 -27.11 -7.26 -23.35
CA HIS B 63 -25.89 -7.32 -24.16
CA HIS B 63 -25.89 -7.32 -24.16
C HIS B 63 -25.64 -6.00 -24.90
C HIS B 63 -25.64 -6.01 -24.90
N GLN B 64 -26.70 -5.41 -25.44
CA GLN B 64 -26.52 -4.15 -26.15
C GLN B 64 -26.24 -2.99 -25.19
N ASP B 65 -26.69 -3.11 -23.94
CA ASP B 65 -26.31 -2.10 -22.94
C ASP B 65 -24.85 -2.21 -22.55
N ILE B 66 -24.28 -3.42 -22.63
CA ILE B 66 -22.86 -3.60 -22.31
C ILE B 66 -22.00 -2.78 -23.26
N THR B 67 -22.42 -2.65 -24.52
CA THR B 67 -21.66 -1.87 -25.48
C THR B 67 -21.51 -0.41 -25.02
N GLU B 68 -22.58 0.15 -24.46
CA GLU B 68 -22.51 1.53 -23.95
C GLU B 68 -21.66 1.60 -22.69
N LEU B 69 -21.72 0.57 -21.84
CA LEU B 69 -20.90 0.56 -20.64
C LEU B 69 -19.42 0.49 -20.98
N ASP B 70 -19.07 -0.31 -22.00
CA ASP B 70 -17.67 -0.36 -22.44
C ASP B 70 -17.21 0.99 -22.97
N GLN B 71 -18.11 1.75 -23.60
CA GLN B 71 -17.72 3.04 -24.14
C GLN B 71 -17.54 4.08 -23.04
N LYS B 72 -18.39 4.03 -22.01
CA LYS B 72 -18.28 5.00 -20.92
C LYS B 72 -16.99 4.79 -20.11
N ILE B 73 -16.62 3.53 -19.88
CA ILE B 73 -15.36 3.24 -19.19
C ILE B 73 -14.18 3.73 -20.02
N LYS B 74 -14.19 3.40 -21.31
CA LYS B 74 -13.13 3.83 -22.23
C LYS B 74 -12.99 5.35 -22.23
N ASP B 75 -14.11 6.07 -22.10
CA ASP B 75 -14.11 7.53 -22.16
C ASP B 75 -13.82 8.20 -20.83
N ASP B 76 -13.77 7.44 -19.73
CA ASP B 76 -13.49 8.02 -18.42
C ASP B 76 -12.00 8.36 -18.34
N VAL B 77 -11.69 9.66 -18.39
CA VAL B 77 -10.30 10.11 -18.40
C VAL B 77 -9.64 10.03 -17.04
N LYS B 78 -10.42 9.88 -15.97
CA LYS B 78 -9.85 9.77 -14.63
C LYS B 78 -9.23 8.41 -14.37
N LEU B 79 -9.62 7.37 -15.10
CA LEU B 79 -9.04 6.05 -14.94
C LEU B 79 -7.59 6.05 -15.44
N LYS B 80 -6.65 5.81 -14.54
CA LYS B 80 -5.25 5.81 -14.91
C LYS B 80 -4.90 4.51 -15.62
N ILE B 81 -4.30 4.64 -16.80
CA ILE B 81 -3.98 3.49 -17.64
C ILE B 81 -2.56 3.02 -17.33
N GLU B 82 -2.39 1.71 -17.16
CA GLU B 82 -1.07 1.12 -16.94
C GLU B 82 -0.44 0.60 -18.22
N GLU B 83 -1.24 0.06 -19.13
CA GLU B 83 -0.73 -0.51 -20.37
C GLU B 83 -1.86 -0.57 -21.39
N LYS B 84 -1.49 -0.46 -22.66
CA LYS B 84 -2.42 -0.58 -23.77
C LYS B 84 -1.98 -1.70 -24.70
N ASN B 85 -2.93 -2.15 -25.53
CA ASN B 85 -2.67 -3.14 -26.58
C ASN B 85 -2.14 -4.45 -26.01
N VAL B 86 -2.65 -4.86 -24.85
CA VAL B 86 -2.22 -6.11 -24.25
C VAL B 86 -2.86 -7.26 -25.01
N GLU B 87 -2.20 -8.42 -24.99
CA GLU B 87 -2.64 -9.60 -25.73
C GLU B 87 -3.53 -10.45 -24.82
N ARG B 88 -4.81 -10.56 -25.17
CA ARG B 88 -5.76 -11.42 -24.47
C ARG B 88 -6.00 -12.65 -25.32
N PRO B 89 -5.42 -13.80 -24.98
CA PRO B 89 -5.49 -14.96 -25.89
C PRO B 89 -6.89 -15.52 -26.06
N PHE B 90 -7.77 -15.38 -25.07
CA PHE B 90 -9.14 -15.87 -25.16
C PHE B 90 -10.16 -14.74 -25.24
N GLY B 91 -9.72 -13.55 -25.65
CA GLY B 91 -10.59 -12.40 -25.74
C GLY B 91 -10.55 -11.54 -24.48
N GLY B 92 -11.21 -10.39 -24.58
CA GLY B 92 -11.26 -9.42 -23.51
C GLY B 92 -10.65 -8.09 -23.92
N LYS B 93 -10.90 -7.10 -23.08
CA LYS B 93 -10.40 -5.76 -23.34
C LYS B 93 -8.87 -5.71 -23.23
N THR B 94 -8.27 -4.80 -23.99
CA THR B 94 -6.83 -4.73 -24.12
C THR B 94 -6.21 -3.52 -23.44
N THR B 95 -6.96 -2.83 -22.58
CA THR B 95 -6.46 -1.69 -21.83
C THR B 95 -6.45 -2.04 -20.35
N ARG B 96 -5.27 -2.04 -19.75
CA ARG B 96 -5.09 -2.38 -18.35
C ARG B 96 -5.02 -1.10 -17.51
N TYR B 97 -5.74 -1.10 -16.39
CA TYR B 97 -5.84 0.05 -15.51
C TYR B 97 -5.13 -0.21 -14.19
N SER B 98 -4.88 0.87 -13.46
CA SER B 98 -4.25 0.76 -12.14
C SER B 98 -5.19 0.07 -11.16
N LEU B 99 -4.65 -0.84 -10.36
CA LEU B 99 -5.44 -1.54 -9.38
C LEU B 99 -6.02 -0.56 -8.36
N GLY B 100 -7.29 -0.75 -8.04
CA GLY B 100 -7.99 0.17 -7.17
C GLY B 100 -8.67 1.31 -7.88
N SER B 101 -8.47 1.45 -9.20
CA SER B 101 -9.24 2.43 -9.96
C SER B 101 -10.72 2.16 -9.82
N VAL B 102 -11.51 3.23 -9.71
CA VAL B 102 -12.95 3.13 -9.54
C VAL B 102 -13.62 3.82 -10.71
N PHE B 103 -14.47 3.10 -11.42
CA PHE B 103 -15.40 3.70 -12.38
C PHE B 103 -16.75 3.83 -11.70
N LYS B 104 -17.33 5.02 -11.77
CA LYS B 104 -18.63 5.30 -11.18
C LYS B 104 -19.70 4.95 -12.22
N ASP B 105 -20.61 4.05 -11.85
CA ASP B 105 -21.71 3.64 -12.72
C ASP B 105 -23.00 3.91 -11.95
N MET B 106 -23.44 5.17 -11.97
CA MET B 106 -24.61 5.65 -11.22
C MET B 106 -24.36 5.41 -9.74
N ASP B 107 -25.14 4.56 -9.07
CA ASP B 107 -24.98 4.33 -7.64
C ASP B 107 -24.01 3.20 -7.32
N PHE B 108 -23.25 2.72 -8.30
CA PHE B 108 -22.31 1.62 -8.11
C PHE B 108 -20.88 2.10 -8.35
N PHE B 109 -19.97 1.66 -7.49
CA PHE B 109 -18.54 1.88 -7.66
C PHE B 109 -17.92 0.58 -8.17
N LEU B 110 -17.49 0.58 -9.43
CA LEU B 110 -16.89 -0.60 -10.04
C LEU B 110 -15.37 -0.48 -9.93
N VAL B 111 -14.74 -1.47 -9.29
CA VAL B 111 -13.34 -1.40 -8.90
C VAL B 111 -12.50 -2.29 -9.81
N ALA B 112 -11.36 -1.74 -10.28
CA ALA B 112 -10.35 -2.53 -10.97
C ALA B 112 -9.55 -3.27 -9.91
N PHE B 113 -10.07 -4.43 -9.51
CA PHE B 113 -9.62 -5.08 -8.28
C PHE B 113 -8.49 -6.09 -8.50
N SER B 114 -8.69 -7.07 -9.37
CA SER B 114 -7.76 -8.19 -9.51
C SER B 114 -7.04 -8.15 -10.85
N LYS B 115 -5.90 -8.83 -10.90
CA LYS B 115 -5.13 -9.00 -12.12
C LYS B 115 -5.54 -10.27 -12.83
N PHE B 116 -5.39 -10.26 -14.16
CA PHE B 116 -5.70 -11.41 -15.01
C PHE B 116 -4.46 -11.80 -15.80
N ASP B 117 -4.12 -13.08 -15.77
CA ASP B 117 -3.02 -13.59 -16.57
C ASP B 117 -3.56 -14.15 -17.88
N ARG B 118 -2.70 -14.81 -18.67
CA ARG B 118 -3.12 -15.34 -19.95
C ARG B 118 -4.11 -16.50 -19.84
N GLU B 119 -4.30 -17.05 -18.64
CA GLU B 119 -5.36 -18.02 -18.40
C GLU B 119 -6.62 -17.38 -17.83
N ASN B 120 -6.67 -16.05 -17.77
CA ASN B 120 -7.78 -15.31 -17.20
C ASN B 120 -8.04 -15.72 -15.75
N ARG B 121 -6.97 -15.92 -15.00
CA ARG B 121 -7.05 -16.29 -13.59
C ARG B 121 -6.90 -15.04 -12.73
N ALA B 122 -7.96 -14.70 -12.00
CA ALA B 122 -7.95 -13.54 -11.12
C ALA B 122 -7.00 -13.79 -9.96
N GLN B 123 -6.02 -12.91 -9.77
CA GLN B 123 -5.00 -13.15 -8.76
C GLN B 123 -4.44 -11.84 -8.25
N LEU B 124 -4.01 -11.86 -6.98
CA LEU B 124 -3.36 -10.74 -6.33
C LEU B 124 -2.27 -11.26 -5.41
N LYS B 125 -1.08 -10.66 -5.50
CA LYS B 125 -0.13 -10.78 -4.40
C LYS B 125 -0.63 -9.97 -3.21
N LEU B 126 -0.18 -10.35 -2.01
CA LEU B 126 -0.75 -9.73 -0.82
C LEU B 126 -0.52 -8.23 -0.79
N ASN B 127 0.68 -7.79 -1.19
CA ASN B 127 0.96 -6.36 -1.21
C ASN B 127 0.16 -5.65 -2.30
N GLU B 128 -0.11 -6.33 -3.42
CA GLU B 128 -1.02 -5.76 -4.42
C GLU B 128 -2.43 -5.63 -3.86
N TYR B 129 -2.87 -6.61 -3.06
CA TYR B 129 -4.18 -6.50 -2.42
C TYR B 129 -4.22 -5.34 -1.45
N ALA B 130 -3.18 -5.20 -0.62
CA ALA B 130 -3.13 -4.09 0.33
C ALA B 130 -3.11 -2.75 -0.40
N SER B 131 -2.27 -2.63 -1.43
CA SER B 131 -2.19 -1.38 -2.17
C SER B 131 -3.46 -1.10 -2.97
N CYS B 132 -4.14 -2.15 -3.43
CA CYS B 132 -5.39 -1.96 -4.13
C CYS B 132 -6.43 -1.37 -3.18
N MET B 133 -6.54 -1.95 -2.00
CA MET B 133 -7.52 -1.45 -1.03
C MET B 133 -7.23 0.00 -0.66
N LEU B 134 -5.95 0.37 -0.57
CA LEU B 134 -5.60 1.77 -0.30
C LEU B 134 -6.20 2.69 -1.35
N ASN B 135 -6.03 2.34 -2.63
N ASN B 135 -6.02 2.35 -2.61
CA ASN B 135 -6.59 3.15 -3.70
CA ASN B 135 -6.59 3.19 -3.65
C ASN B 135 -8.11 3.12 -3.69
C ASN B 135 -8.12 3.14 -3.64
N VAL B 136 -8.70 2.00 -3.24
CA VAL B 136 -10.16 1.90 -3.17
C VAL B 136 -10.71 2.87 -2.12
N TRP B 137 -10.10 2.89 -0.93
CA TRP B 137 -10.51 3.85 0.08
C TRP B 137 -10.26 5.28 -0.37
N ASN B 138 -9.15 5.51 -1.08
CA ASN B 138 -8.87 6.85 -1.59
C ASN B 138 -9.95 7.32 -2.54
N GLU B 139 -10.39 6.44 -3.45
CA GLU B 139 -11.48 6.78 -4.35
C GLU B 139 -12.79 6.95 -3.58
N ILE B 140 -13.10 6.01 -2.68
CA ILE B 140 -14.35 6.05 -1.93
C ILE B 140 -14.42 7.33 -1.10
N ASN B 141 -13.34 7.65 -0.38
CA ASN B 141 -13.33 8.86 0.42
C ASN B 141 -13.40 10.12 -0.42
N THR B 142 -13.10 10.04 -1.71
CA THR B 142 -13.22 11.20 -2.58
C THR B 142 -14.63 11.34 -3.13
N LEU B 143 -15.28 10.22 -3.45
CA LEU B 143 -16.52 10.21 -4.22
C LEU B 143 -17.78 10.07 -3.39
N HIS B 144 -17.67 9.83 -2.08
CA HIS B 144 -18.84 9.41 -1.32
C HIS B 144 -19.91 10.51 -1.26
N ALA B 145 -19.49 11.77 -1.16
CA ALA B 145 -20.40 12.92 -1.20
C ALA B 145 -21.52 12.78 -0.18
N SER B 146 -21.14 12.42 1.05
CA SER B 146 -22.00 12.27 2.22
C SER B 146 -22.95 11.08 2.14
N LYS B 147 -22.99 10.36 1.03
CA LYS B 147 -23.76 9.14 0.97
C LYS B 147 -23.01 7.99 1.64
N GLU B 148 -23.75 6.98 2.07
CA GLU B 148 -23.14 5.81 2.69
C GLU B 148 -22.69 4.82 1.63
N VAL B 149 -21.57 4.15 1.89
CA VAL B 149 -20.94 3.24 0.95
C VAL B 149 -21.01 1.83 1.51
N PHE B 150 -21.52 0.90 0.70
CA PHE B 150 -21.61 -0.51 1.05
C PHE B 150 -20.63 -1.29 0.20
N ILE B 151 -19.83 -2.15 0.84
CA ILE B 151 -18.78 -2.87 0.14
C ILE B 151 -18.79 -4.33 0.58
N PRO B 152 -18.63 -5.29 -0.33
CA PRO B 152 -18.49 -6.69 0.08
C PRO B 152 -17.12 -6.96 0.67
N LEU B 153 -16.87 -8.19 1.10
CA LEU B 153 -15.56 -8.57 1.62
C LEU B 153 -14.66 -8.86 0.43
N LEU B 154 -14.04 -7.81 -0.10
CA LEU B 154 -13.26 -7.92 -1.32
C LEU B 154 -12.11 -8.90 -1.15
N GLY B 155 -11.94 -9.80 -2.12
CA GLY B 155 -10.90 -10.79 -2.11
C GLY B 155 -11.34 -12.17 -1.63
N SER B 156 -12.47 -12.27 -0.95
CA SER B 156 -12.92 -13.52 -0.35
C SER B 156 -13.71 -14.39 -1.31
N GLY B 157 -13.66 -14.10 -2.61
CA GLY B 157 -14.35 -14.94 -3.58
C GLY B 157 -13.38 -15.83 -4.34
N ILE B 158 -13.44 -15.78 -5.67
CA ILE B 158 -12.57 -16.60 -6.52
C ILE B 158 -11.17 -16.02 -6.64
N THR B 159 -10.92 -14.83 -6.09
CA THR B 159 -9.61 -14.20 -6.19
C THR B 159 -8.53 -15.10 -5.62
N ARG B 160 -7.50 -15.38 -6.42
CA ARG B 160 -6.38 -16.22 -6.00
C ARG B 160 -5.33 -15.36 -5.31
N HIS B 161 -5.00 -15.71 -4.08
CA HIS B 161 -3.97 -15.01 -3.31
C HIS B 161 -2.69 -15.84 -3.42
N VAL B 162 -1.82 -15.47 -4.37
CA VAL B 162 -0.81 -16.38 -4.89
C VAL B 162 0.46 -16.45 -4.07
N ASP B 163 0.63 -15.61 -3.05
CA ASP B 163 1.87 -15.61 -2.29
C ASP B 163 1.62 -15.55 -0.79
N SER B 164 0.47 -16.04 -0.34
CA SER B 164 0.16 -16.09 1.08
C SER B 164 -0.98 -17.08 1.31
N ASP B 165 -1.19 -17.45 2.56
CA ASP B 165 -2.32 -18.26 2.97
C ASP B 165 -3.34 -17.42 3.73
N VAL B 166 -3.61 -16.22 3.22
CA VAL B 166 -4.48 -15.27 3.91
C VAL B 166 -5.88 -15.87 4.04
N GLY B 167 -6.48 -15.70 5.23
CA GLY B 167 -7.84 -16.12 5.47
C GLY B 167 -8.81 -14.96 5.37
N VAL B 168 -10.10 -15.30 5.39
CA VAL B 168 -11.14 -14.29 5.22
C VAL B 168 -11.12 -13.30 6.38
N ASN B 169 -10.82 -13.77 7.59
CA ASN B 169 -10.70 -12.85 8.72
C ASN B 169 -9.54 -11.90 8.55
N GLU B 170 -8.47 -12.35 7.89
CA GLU B 170 -7.33 -11.47 7.64
C GLU B 170 -7.60 -10.49 6.51
N LEU B 171 -8.37 -10.91 5.50
CA LEU B 171 -8.80 -9.96 4.47
C LEU B 171 -9.60 -8.82 5.07
N LEU B 172 -10.48 -9.12 6.02
CA LEU B 172 -11.23 -8.07 6.72
C LEU B 172 -10.29 -7.16 7.49
N HIS B 173 -9.28 -7.74 8.15
CA HIS B 173 -8.34 -6.92 8.91
C HIS B 173 -7.55 -5.99 8.00
N ILE B 174 -7.16 -6.48 6.82
CA ILE B 174 -6.43 -5.63 5.88
C ILE B 174 -7.33 -4.51 5.36
N MET B 175 -8.62 -4.79 5.16
CA MET B 175 -9.57 -3.74 4.78
C MET B 175 -9.65 -2.67 5.86
N LEU B 176 -9.67 -3.07 7.13
CA LEU B 176 -9.79 -2.12 8.22
C LEU B 176 -8.48 -1.35 8.43
N TRP B 177 -7.34 -2.02 8.24
CA TRP B 177 -6.05 -1.35 8.40
C TRP B 177 -5.84 -0.30 7.33
N THR B 178 -6.05 -0.67 6.06
CA THR B 178 -5.92 0.30 4.98
C THR B 178 -6.95 1.42 5.08
N PHE B 179 -8.12 1.12 5.65
CA PHE B 179 -9.10 2.18 5.91
C PHE B 179 -8.55 3.17 6.93
N GLN B 180 -7.88 2.69 7.97
CA GLN B 180 -7.31 3.58 8.98
C GLN B 180 -6.15 4.39 8.41
N ILE B 181 -5.36 3.78 7.52
CA ILE B 181 -4.32 4.54 6.84
C ILE B 181 -4.93 5.64 5.99
N SER B 182 -5.95 5.30 5.21
CA SER B 182 -6.60 6.28 4.35
C SER B 182 -7.26 7.40 5.17
N LYS B 183 -7.73 7.07 6.36
CA LYS B 183 -8.33 8.09 7.21
C LYS B 183 -7.38 9.26 7.49
N VAL B 184 -6.10 8.99 7.57
CA VAL B 184 -5.13 10.05 7.89
C VAL B 184 -5.19 11.16 6.85
N LYS B 185 -5.40 10.79 5.59
CA LYS B 185 -5.51 11.78 4.52
C LYS B 185 -6.89 12.40 4.47
N PHE B 186 -7.93 11.60 4.68
CA PHE B 186 -9.32 12.06 4.65
C PHE B 186 -9.85 12.08 6.08
N ARG B 187 -9.70 13.22 6.75
CA ARG B 187 -10.14 13.35 8.13
C ARG B 187 -11.65 13.18 8.28
N GLU B 188 -12.41 13.42 7.21
CA GLU B 188 -13.85 13.16 7.20
C GLU B 188 -14.15 12.05 6.20
N PRO B 189 -13.90 10.79 6.55
CA PRO B 189 -14.05 9.70 5.59
C PRO B 189 -15.53 9.36 5.38
N ALA B 190 -15.76 8.42 4.46
CA ALA B 190 -17.11 7.97 4.18
C ALA B 190 -17.63 7.06 5.28
N LYS B 191 -18.95 7.04 5.42
CA LYS B 191 -19.62 6.04 6.25
C LYS B 191 -19.65 4.74 5.44
N VAL B 192 -18.89 3.75 5.88
CA VAL B 192 -18.71 2.50 5.15
C VAL B 192 -19.39 1.37 5.92
N THR B 193 -20.06 0.49 5.17
CA THR B 193 -20.64 -0.73 5.72
C THR B 193 -20.07 -1.92 4.93
N ILE B 194 -19.44 -2.84 5.64
CA ILE B 194 -18.93 -4.07 5.03
C ILE B 194 -20.00 -5.14 5.19
N LEU B 195 -20.49 -5.66 4.07
CA LEU B 195 -21.55 -6.67 4.08
C LEU B 195 -20.94 -8.06 3.99
N LEU B 196 -21.38 -8.94 4.88
CA LEU B 196 -21.04 -10.35 4.81
C LEU B 196 -22.24 -11.14 4.27
N TYR B 197 -21.94 -12.22 3.55
CA TYR B 197 -22.96 -12.93 2.79
C TYR B 197 -23.01 -14.39 3.24
N LYS B 198 -24.18 -14.80 3.75
CA LYS B 198 -24.50 -16.20 4.05
C LYS B 198 -23.51 -16.73 5.09
N ASN B 199 -22.85 -17.87 4.85
CA ASN B 199 -22.00 -18.50 5.85
C ASN B 199 -20.75 -17.69 6.17
N ASP B 200 -20.43 -16.67 5.38
CA ASP B 200 -19.27 -15.85 5.67
C ASP B 200 -19.45 -15.02 6.95
N HIS B 201 -20.68 -14.84 7.40
CA HIS B 201 -20.91 -14.11 8.65
C HIS B 201 -20.46 -14.93 9.86
N LYS B 202 -20.56 -16.26 9.78
CA LYS B 202 -20.14 -17.11 10.88
C LYS B 202 -18.63 -17.25 10.95
N LYS B 203 -17.94 -17.26 9.80
CA LYS B 203 -16.50 -17.44 9.78
C LYS B 203 -15.76 -16.25 10.38
N ILE B 204 -16.37 -15.07 10.40
CA ILE B 204 -15.72 -13.88 10.95
C ILE B 204 -15.83 -13.93 12.46
N ASN B 205 -14.70 -13.78 13.15
CA ASN B 205 -14.67 -13.70 14.60
C ASN B 205 -14.93 -12.26 15.02
N PHE B 206 -16.15 -11.97 15.46
CA PHE B 206 -16.50 -10.62 15.87
C PHE B 206 -15.83 -10.24 17.20
N TYR B 207 -15.38 -11.22 17.98
CA TYR B 207 -14.69 -10.91 19.22
C TYR B 207 -13.38 -10.18 18.96
N LYS B 208 -12.58 -10.69 18.01
CA LYS B 208 -11.35 -10.01 17.64
C LYS B 208 -11.64 -8.70 16.92
N LEU B 209 -12.68 -8.68 16.09
CA LEU B 209 -13.06 -7.48 15.36
C LEU B 209 -13.66 -6.43 16.31
#